data_5Q10
#
_entry.id   5Q10
#
_cell.length_a   93.957
_cell.length_b   93.957
_cell.length_c   48.020
_cell.angle_alpha   90.000
_cell.angle_beta   90.000
_cell.angle_gamma   120.000
#
_symmetry.space_group_name_H-M   'P 65'
#
loop_
_entity.id
_entity.type
_entity.pdbx_description
1 polymer 'Bile acid receptor'
2 polymer 'COACTIVATOR PEPTIDE SRC-1 HD3'
3 non-polymer N-[3-(acetylamino)phenyl]-4-chloro-N-[(1S)-1-cyclohexyl-2-(cyclohexylamino)-2-oxoethyl]benzamide
4 water water
#
loop_
_entity_poly.entity_id
_entity_poly.type
_entity_poly.pdbx_seq_one_letter_code
_entity_poly.pdbx_strand_id
1 'polypeptide(L)'
;GSHMELTPDQQTLLHFIMDSYNKQRMPQEITNKILKEAFSAEENFLILTEMATNHVQVLVEFTKKLPGFQTLDHEDQIAL
LKGSAVEAMFLRSAEIFNKKLPSGHSDLLEARIRNSGISDEYITPMFSFYKSIGELKMTQEEYALLTAIVILSPDRQYIK
DREAVEKLQEPLLDVLQKLCKIHQPENPQHFACLLGRLTELRTFNHHHAEMLMSWRVNDHKFTPLLCEIWDVQ
;
A
2 'polypeptide(L)' KDHQLLRYLLDKDE B
#
# COMPACT_ATOMS: atom_id res chain seq x y z
N MET A 4 -19.24 21.27 -11.91
CA MET A 4 -18.33 21.48 -10.77
C MET A 4 -16.91 20.98 -11.05
N GLU A 5 -15.92 21.59 -10.36
CA GLU A 5 -14.50 21.30 -10.52
C GLU A 5 -13.71 21.48 -9.23
N LEU A 6 -12.46 20.99 -9.23
CA LEU A 6 -11.57 21.18 -8.08
C LEU A 6 -11.07 22.62 -8.11
N THR A 7 -10.94 23.25 -6.93
CA THR A 7 -10.40 24.61 -6.77
C THR A 7 -8.90 24.59 -7.18
N PRO A 8 -8.26 25.75 -7.51
CA PRO A 8 -6.81 25.72 -7.85
C PRO A 8 -5.94 25.07 -6.77
N ASP A 9 -6.30 25.23 -5.48
CA ASP A 9 -5.59 24.63 -4.36
C ASP A 9 -5.73 23.10 -4.31
N GLN A 10 -6.88 22.58 -4.73
CA GLN A 10 -7.13 21.14 -4.75
C GLN A 10 -6.44 20.49 -5.95
N GLN A 11 -6.33 21.24 -7.08
CA GLN A 11 -5.61 20.80 -8.27
C GLN A 11 -4.14 20.70 -7.94
N THR A 12 -3.60 21.68 -7.16
CA THR A 12 -2.19 21.73 -6.75
C THR A 12 -1.86 20.53 -5.87
N LEU A 13 -2.68 20.30 -4.83
CA LEU A 13 -2.57 19.19 -3.89
C LEU A 13 -2.60 17.83 -4.63
N LEU A 14 -3.58 17.62 -5.53
CA LEU A 14 -3.69 16.39 -6.32
C LEU A 14 -2.49 16.20 -7.24
N HIS A 15 -1.99 17.30 -7.83
CA HIS A 15 -0.82 17.24 -8.71
C HIS A 15 0.43 16.73 -7.97
N PHE A 16 0.65 17.21 -6.74
CA PHE A 16 1.77 16.81 -5.89
C PHE A 16 1.68 15.33 -5.48
N ILE A 17 0.47 14.83 -5.29
CA ILE A 17 0.22 13.42 -4.96
C ILE A 17 0.42 12.53 -6.20
N MET A 18 -0.10 12.95 -7.38
CA MET A 18 0.03 12.22 -8.66
C MET A 18 1.47 12.06 -9.11
N ASP A 19 2.25 13.14 -9.00
CA ASP A 19 3.65 13.20 -9.37
C ASP A 19 4.51 12.17 -8.63
N SER A 20 4.43 12.11 -7.29
CA SER A 20 5.21 11.15 -6.51
C SER A 20 4.72 9.71 -6.70
N TYR A 21 3.39 9.54 -6.89
CA TYR A 21 2.79 8.23 -7.13
C TYR A 21 3.22 7.65 -8.48
N ASN A 22 3.27 8.48 -9.55
CA ASN A 22 3.68 8.04 -10.90
C ASN A 22 5.17 7.65 -11.01
N LYS A 23 6.02 8.15 -10.09
CA LYS A 23 7.46 7.85 -10.06
C LYS A 23 7.74 6.40 -9.66
N GLN A 24 6.79 5.76 -8.93
CA GLN A 24 6.88 4.39 -8.45
C GLN A 24 6.98 3.40 -9.64
N ARG A 25 7.88 2.42 -9.53
CA ARG A 25 8.10 1.42 -10.57
C ARG A 25 8.61 0.11 -9.99
N MET A 26 8.02 -1.01 -10.42
CA MET A 26 8.48 -2.34 -10.01
C MET A 26 9.73 -2.62 -10.86
N PRO A 27 10.92 -2.79 -10.22
CA PRO A 27 12.14 -3.01 -11.02
C PRO A 27 12.13 -4.27 -11.89
N GLN A 28 12.85 -4.19 -13.03
CA GLN A 28 12.98 -5.27 -14.03
C GLN A 28 13.56 -6.56 -13.47
N GLU A 29 14.55 -6.48 -12.55
CA GLU A 29 15.20 -7.65 -11.94
C GLU A 29 14.20 -8.53 -11.17
N ILE A 30 13.19 -7.91 -10.52
CA ILE A 30 12.15 -8.63 -9.79
C ILE A 30 11.21 -9.32 -10.81
N THR A 31 10.83 -8.58 -11.87
CA THR A 31 9.99 -9.08 -12.98
C THR A 31 10.65 -10.30 -13.66
N ASN A 32 11.98 -10.21 -13.96
CA ASN A 32 12.75 -11.29 -14.59
C ASN A 32 12.80 -12.56 -13.72
N LYS A 33 12.82 -12.38 -12.38
CA LYS A 33 12.86 -13.47 -11.40
C LYS A 33 11.55 -14.26 -11.38
N ILE A 34 10.40 -13.55 -11.50
CA ILE A 34 9.05 -14.14 -11.55
C ILE A 34 8.96 -15.11 -12.74
N LEU A 35 9.71 -14.80 -13.79
CA LEU A 35 9.79 -15.54 -15.05
C LEU A 35 10.89 -16.64 -15.09
N LYS A 36 12.03 -16.44 -14.42
CA LYS A 36 13.19 -17.35 -14.50
C LYS A 36 13.44 -18.31 -13.33
N GLU A 37 13.25 -17.87 -12.08
CA GLU A 37 13.58 -18.64 -10.88
C GLU A 37 12.82 -19.96 -10.72
N ALA A 38 13.42 -20.92 -9.98
CA ALA A 38 12.86 -22.25 -9.68
C ALA A 38 11.53 -22.15 -8.94
N PHE A 39 10.60 -23.09 -9.21
CA PHE A 39 9.28 -23.07 -8.59
C PHE A 39 9.26 -23.71 -7.16
N SER A 40 10.40 -23.65 -6.44
CA SER A 40 10.47 -24.17 -5.08
C SER A 40 9.90 -23.15 -4.12
N ALA A 41 9.39 -23.61 -2.95
CA ALA A 41 8.84 -22.75 -1.90
C ALA A 41 9.84 -21.71 -1.42
N GLU A 42 11.15 -22.06 -1.34
CA GLU A 42 12.25 -21.19 -0.92
C GLU A 42 12.49 -20.06 -1.92
N GLU A 43 12.53 -20.39 -3.22
CA GLU A 43 12.73 -19.41 -4.28
C GLU A 43 11.51 -18.49 -4.45
N ASN A 44 10.30 -19.05 -4.31
CA ASN A 44 9.07 -18.26 -4.42
C ASN A 44 8.98 -17.27 -3.27
N PHE A 45 9.41 -17.70 -2.07
CA PHE A 45 9.43 -16.88 -0.86
C PHE A 45 10.47 -15.78 -0.98
N LEU A 46 11.62 -16.08 -1.62
CA LEU A 46 12.70 -15.13 -1.84
C LEU A 46 12.28 -14.01 -2.77
N ILE A 47 11.40 -14.32 -3.76
CA ILE A 47 10.84 -13.35 -4.70
C ILE A 47 9.90 -12.39 -3.93
N LEU A 48 9.04 -12.95 -3.06
CA LEU A 48 8.11 -12.15 -2.24
C LEU A 48 8.83 -11.28 -1.23
N THR A 49 10.02 -11.71 -0.76
CA THR A 49 10.87 -10.97 0.17
C THR A 49 11.40 -9.74 -0.58
N GLU A 50 11.86 -9.93 -1.84
CA GLU A 50 12.35 -8.87 -2.72
C GLU A 50 11.25 -7.83 -2.98
N MET A 51 10.00 -8.28 -3.17
CA MET A 51 8.84 -7.42 -3.41
C MET A 51 8.48 -6.61 -2.18
N ALA A 52 8.55 -7.23 -1.00
CA ALA A 52 8.29 -6.58 0.31
C ALA A 52 9.32 -5.48 0.59
N THR A 53 10.61 -5.76 0.37
CA THR A 53 11.67 -4.79 0.61
C THR A 53 11.55 -3.62 -0.38
N ASN A 54 11.24 -3.91 -1.66
CA ASN A 54 11.01 -2.88 -2.67
C ASN A 54 9.85 -1.95 -2.26
N HIS A 55 8.72 -2.52 -1.79
CA HIS A 55 7.54 -1.77 -1.34
C HIS A 55 7.89 -0.78 -0.22
N VAL A 56 8.69 -1.22 0.77
CA VAL A 56 9.10 -0.37 1.89
C VAL A 56 9.86 0.87 1.39
N GLN A 57 10.80 0.69 0.44
CA GLN A 57 11.60 1.76 -0.14
C GLN A 57 10.72 2.71 -0.97
N VAL A 58 9.83 2.15 -1.78
CA VAL A 58 8.89 2.90 -2.61
C VAL A 58 7.90 3.72 -1.72
N LEU A 59 7.34 3.09 -0.68
CA LEU A 59 6.42 3.70 0.29
C LEU A 59 7.03 4.95 0.96
N VAL A 60 8.28 4.84 1.44
CA VAL A 60 8.98 5.93 2.12
C VAL A 60 9.24 7.11 1.15
N GLU A 61 9.67 6.83 -0.09
CA GLU A 61 9.92 7.89 -1.07
C GLU A 61 8.63 8.62 -1.44
N PHE A 62 7.51 7.90 -1.52
CA PHE A 62 6.21 8.45 -1.83
C PHE A 62 5.71 9.33 -0.69
N THR A 63 5.75 8.81 0.55
CA THR A 63 5.31 9.46 1.77
C THR A 63 6.05 10.79 2.02
N LYS A 64 7.38 10.82 1.79
CA LYS A 64 8.23 12.00 1.97
C LYS A 64 7.77 13.18 1.13
N LYS A 65 7.23 12.91 -0.07
CA LYS A 65 6.76 13.96 -0.98
C LYS A 65 5.28 14.35 -0.76
N LEU A 66 4.58 13.71 0.21
CA LEU A 66 3.17 14.05 0.50
C LEU A 66 3.11 15.44 1.12
N PRO A 67 2.27 16.36 0.55
CA PRO A 67 2.19 17.71 1.10
C PRO A 67 1.95 17.77 2.61
N GLY A 68 2.88 18.44 3.31
CA GLY A 68 2.84 18.61 4.75
C GLY A 68 3.42 17.50 5.59
N PHE A 69 3.79 16.34 4.98
CA PHE A 69 4.34 15.20 5.74
C PHE A 69 5.65 15.56 6.48
N GLN A 70 6.54 16.28 5.80
CA GLN A 70 7.84 16.68 6.36
C GLN A 70 7.72 17.80 7.41
N THR A 71 6.52 18.38 7.58
CA THR A 71 6.25 19.43 8.58
C THR A 71 5.86 18.78 9.92
N LEU A 72 5.56 17.48 9.92
CA LEU A 72 5.18 16.73 11.12
C LEU A 72 6.42 16.44 11.97
N ASP A 73 6.23 16.22 13.29
CA ASP A 73 7.28 15.85 14.25
C ASP A 73 7.89 14.54 13.75
N HIS A 74 9.22 14.43 13.81
CA HIS A 74 9.97 13.28 13.31
C HIS A 74 9.49 11.92 13.83
N GLU A 75 9.13 11.82 15.12
CA GLU A 75 8.66 10.57 15.72
C GLU A 75 7.31 10.16 15.13
N ASP A 76 6.41 11.14 14.86
CA ASP A 76 5.11 10.87 14.25
C ASP A 76 5.23 10.42 12.80
N GLN A 77 6.28 10.88 12.09
CA GLN A 77 6.57 10.47 10.71
C GLN A 77 6.89 8.97 10.67
N ILE A 78 7.66 8.48 11.69
CA ILE A 78 8.04 7.07 11.88
C ILE A 78 6.81 6.24 12.22
N ALA A 79 6.00 6.72 13.18
CA ALA A 79 4.76 6.09 13.64
C ALA A 79 3.76 5.91 12.49
N LEU A 80 3.67 6.89 11.56
CA LEU A 80 2.78 6.82 10.40
C LEU A 80 3.25 5.80 9.38
N LEU A 81 4.56 5.74 9.11
CA LEU A 81 5.15 4.76 8.20
C LEU A 81 5.04 3.34 8.75
N LYS A 82 5.22 3.18 10.06
CA LYS A 82 5.14 1.87 10.71
C LYS A 82 3.70 1.33 10.72
N GLY A 83 2.74 2.17 11.11
CA GLY A 83 1.33 1.80 11.15
C GLY A 83 0.64 1.58 9.80
N SER A 84 1.15 2.19 8.71
CA SER A 84 0.51 2.08 7.40
C SER A 84 1.18 1.16 6.39
N ALA A 85 2.43 0.72 6.64
CA ALA A 85 3.21 -0.12 5.71
C ALA A 85 2.48 -1.34 5.15
N VAL A 86 1.77 -2.09 6.02
CA VAL A 86 1.04 -3.30 5.63
C VAL A 86 -0.16 -2.97 4.71
N GLU A 87 -1.00 -1.99 5.11
CA GLU A 87 -2.17 -1.56 4.34
C GLU A 87 -1.76 -0.96 2.97
N ALA A 88 -0.62 -0.26 2.93
CA ALA A 88 -0.11 0.35 1.69
C ALA A 88 0.41 -0.70 0.73
N MET A 89 0.97 -1.80 1.28
CA MET A 89 1.49 -2.95 0.53
C MET A 89 0.37 -3.64 -0.21
N PHE A 90 -0.76 -3.90 0.46
CA PHE A 90 -1.92 -4.55 -0.16
C PHE A 90 -2.55 -3.70 -1.24
N LEU A 91 -2.57 -2.37 -1.04
CA LEU A 91 -3.11 -1.42 -2.01
C LEU A 91 -2.23 -1.39 -3.28
N ARG A 92 -0.91 -1.25 -3.11
CA ARG A 92 0.06 -1.23 -4.21
CA ARG A 92 0.05 -1.22 -4.23
C ARG A 92 0.03 -2.58 -4.94
N SER A 93 0.03 -3.71 -4.17
CA SER A 93 0.00 -5.08 -4.70
C SER A 93 -1.22 -5.31 -5.57
N ALA A 94 -2.38 -4.77 -5.16
CA ALA A 94 -3.64 -4.86 -5.90
C ALA A 94 -3.48 -4.22 -7.26
N GLU A 95 -2.92 -2.99 -7.30
CA GLU A 95 -2.65 -2.22 -8.52
C GLU A 95 -1.66 -2.96 -9.46
N ILE A 96 -0.55 -3.51 -8.90
CA ILE A 96 0.46 -4.25 -9.66
C ILE A 96 -0.17 -5.48 -10.34
N PHE A 97 -0.91 -6.27 -9.57
CA PHE A 97 -1.59 -7.48 -10.02
C PHE A 97 -2.69 -7.23 -11.07
N ASN A 98 -3.56 -6.23 -10.84
CA ASN A 98 -4.71 -5.92 -11.71
C ASN A 98 -4.46 -4.90 -12.85
N LYS A 99 -3.29 -4.19 -12.86
CA LYS A 99 -3.01 -3.17 -13.90
C LYS A 99 -1.60 -3.14 -14.47
N LYS A 100 -0.56 -3.27 -13.62
CA LYS A 100 0.84 -3.14 -14.03
C LYS A 100 1.47 -4.39 -14.61
N LEU A 101 1.08 -5.58 -14.12
CA LEU A 101 1.66 -6.82 -14.64
C LEU A 101 0.83 -7.43 -15.78
N PRO A 102 1.48 -7.86 -16.90
CA PRO A 102 0.73 -8.53 -17.98
C PRO A 102 0.08 -9.82 -17.48
N SER A 103 -1.08 -10.19 -18.07
CA SER A 103 -1.88 -11.38 -17.71
C SER A 103 -1.06 -12.65 -17.41
N GLY A 104 -0.02 -12.92 -18.21
CA GLY A 104 0.85 -14.09 -18.06
C GLY A 104 1.75 -13.99 -16.85
N HIS A 105 2.34 -12.79 -16.63
CA HIS A 105 3.22 -12.47 -15.51
C HIS A 105 2.49 -12.52 -14.17
N SER A 106 1.24 -12.02 -14.11
CA SER A 106 0.44 -12.01 -12.89
C SER A 106 0.01 -13.43 -12.53
N ASP A 107 -0.34 -14.27 -13.54
CA ASP A 107 -0.71 -15.67 -13.40
C ASP A 107 0.48 -16.48 -12.83
N LEU A 108 1.70 -16.09 -13.21
CA LEU A 108 2.95 -16.69 -12.73
C LEU A 108 3.22 -16.22 -11.30
N LEU A 109 2.99 -14.93 -11.02
CA LEU A 109 3.16 -14.37 -9.68
C LEU A 109 2.17 -15.05 -8.70
N GLU A 110 0.89 -15.20 -9.10
CA GLU A 110 -0.13 -15.87 -8.29
C GLU A 110 0.28 -17.34 -8.01
N ALA A 111 0.80 -18.05 -9.03
CA ALA A 111 1.30 -19.44 -8.92
C ALA A 111 2.39 -19.50 -7.84
N ARG A 112 3.33 -18.54 -7.88
CA ARG A 112 4.45 -18.40 -6.96
C ARG A 112 3.97 -18.10 -5.54
N ILE A 113 3.00 -17.19 -5.40
CA ILE A 113 2.41 -16.82 -4.11
C ILE A 113 1.75 -18.06 -3.48
N ARG A 114 0.91 -18.78 -4.27
CA ARG A 114 0.21 -20.00 -3.86
C ARG A 114 1.14 -21.19 -3.59
N ASN A 115 2.45 -21.04 -3.87
CA ASN A 115 3.46 -22.08 -3.68
C ASN A 115 4.73 -21.53 -2.98
N SER A 116 4.56 -20.59 -2.05
CA SER A 116 5.68 -19.98 -1.32
C SER A 116 5.84 -20.51 0.12
N GLY A 117 5.03 -21.49 0.49
CA GLY A 117 5.03 -22.09 1.82
C GLY A 117 4.13 -21.37 2.81
N ILE A 118 3.47 -20.29 2.36
CA ILE A 118 2.54 -19.52 3.18
C ILE A 118 1.17 -20.22 3.15
N SER A 119 0.56 -20.38 4.35
CA SER A 119 -0.76 -20.98 4.57
C SER A 119 -1.85 -20.28 3.76
N ASP A 120 -2.88 -21.04 3.32
CA ASP A 120 -4.03 -20.54 2.55
C ASP A 120 -4.77 -19.41 3.27
N GLU A 121 -4.78 -19.46 4.62
CA GLU A 121 -5.40 -18.49 5.53
C GLU A 121 -4.89 -17.06 5.26
N TYR A 122 -3.62 -16.93 4.84
CA TYR A 122 -2.98 -15.64 4.55
C TYR A 122 -2.86 -15.33 3.05
N ILE A 123 -3.40 -16.22 2.17
CA ILE A 123 -3.39 -16.07 0.71
C ILE A 123 -4.80 -15.73 0.17
N THR A 124 -5.85 -16.44 0.64
CA THR A 124 -7.24 -16.30 0.21
C THR A 124 -7.83 -14.86 0.44
N PRO A 125 -7.76 -14.21 1.64
CA PRO A 125 -8.32 -12.84 1.78
C PRO A 125 -7.63 -11.83 0.86
N MET A 126 -6.35 -12.06 0.56
CA MET A 126 -5.51 -11.25 -0.31
C MET A 126 -6.05 -11.23 -1.75
N PHE A 127 -6.31 -12.41 -2.34
CA PHE A 127 -6.86 -12.50 -3.69
C PHE A 127 -8.30 -12.05 -3.75
N SER A 128 -9.03 -12.21 -2.63
CA SER A 128 -10.41 -11.75 -2.50
C SER A 128 -10.42 -10.23 -2.61
N PHE A 129 -9.51 -9.56 -1.87
CA PHE A 129 -9.37 -8.10 -1.89
C PHE A 129 -8.99 -7.57 -3.28
N TYR A 130 -8.12 -8.29 -4.02
CA TYR A 130 -7.71 -7.89 -5.37
C TYR A 130 -8.90 -7.86 -6.31
N LYS A 131 -9.78 -8.88 -6.22
CA LYS A 131 -11.01 -8.97 -7.02
C LYS A 131 -12.00 -7.86 -6.67
N SER A 132 -12.21 -7.59 -5.37
CA SER A 132 -13.13 -6.54 -4.90
C SER A 132 -12.69 -5.14 -5.37
N ILE A 133 -11.37 -4.87 -5.32
CA ILE A 133 -10.73 -3.63 -5.75
C ILE A 133 -10.86 -3.45 -7.28
N GLY A 134 -10.60 -4.54 -8.03
CA GLY A 134 -10.68 -4.57 -9.48
C GLY A 134 -12.09 -4.33 -10.01
N GLU A 135 -13.10 -4.72 -9.21
CA GLU A 135 -14.52 -4.51 -9.54
C GLU A 135 -14.87 -3.02 -9.57
N LEU A 136 -14.20 -2.23 -8.71
CA LEU A 136 -14.42 -0.79 -8.60
C LEU A 136 -13.91 0.04 -9.78
N LYS A 137 -13.07 -0.58 -10.66
CA LYS A 137 -12.50 0.03 -11.87
C LYS A 137 -11.88 1.38 -11.49
N MET A 138 -10.97 1.34 -10.51
CA MET A 138 -10.30 2.50 -9.94
C MET A 138 -9.33 3.18 -10.87
N THR A 139 -9.41 4.51 -10.92
CA THR A 139 -8.52 5.38 -11.68
C THR A 139 -7.19 5.51 -10.89
N GLN A 140 -6.13 5.99 -11.57
CA GLN A 140 -4.81 6.22 -10.99
C GLN A 140 -4.92 7.26 -9.82
N GLU A 141 -5.74 8.31 -10.02
CA GLU A 141 -6.03 9.38 -9.05
C GLU A 141 -6.62 8.79 -7.76
N GLU A 142 -7.56 7.85 -7.88
CA GLU A 142 -8.20 7.17 -6.77
C GLU A 142 -7.22 6.25 -6.03
N TYR A 143 -6.31 5.57 -6.75
CA TYR A 143 -5.28 4.74 -6.12
C TYR A 143 -4.29 5.61 -5.34
N ALA A 144 -3.82 6.71 -5.95
CA ALA A 144 -2.87 7.64 -5.33
C ALA A 144 -3.46 8.32 -4.08
N LEU A 145 -4.72 8.82 -4.17
CA LEU A 145 -5.41 9.45 -3.03
C LEU A 145 -5.67 8.48 -1.89
N LEU A 146 -6.17 7.24 -2.19
CA LEU A 146 -6.44 6.23 -1.17
C LEU A 146 -5.17 5.85 -0.42
N THR A 147 -4.07 5.67 -1.16
CA THR A 147 -2.75 5.37 -0.59
C THR A 147 -2.37 6.50 0.37
N ALA A 148 -2.52 7.77 -0.06
CA ALA A 148 -2.18 8.92 0.77
C ALA A 148 -3.05 9.00 2.04
N ILE A 149 -4.38 8.71 1.92
CA ILE A 149 -5.34 8.70 3.02
C ILE A 149 -4.98 7.62 4.06
N VAL A 150 -4.59 6.41 3.59
CA VAL A 150 -4.14 5.28 4.43
C VAL A 150 -2.89 5.66 5.24
N ILE A 151 -1.89 6.30 4.58
CA ILE A 151 -0.63 6.70 5.23
C ILE A 151 -0.88 7.78 6.29
N LEU A 152 -1.70 8.77 5.94
CA LEU A 152 -2.03 9.89 6.82
C LEU A 152 -3.24 9.61 7.73
N SER A 153 -3.30 8.41 8.30
CA SER A 153 -4.36 8.02 9.23
C SER A 153 -4.03 8.56 10.64
N PRO A 154 -4.83 9.49 11.20
CA PRO A 154 -4.50 10.05 12.52
C PRO A 154 -4.76 9.13 13.73
N ASP A 155 -5.34 7.94 13.50
CA ASP A 155 -5.66 6.99 14.57
C ASP A 155 -4.63 5.85 14.76
N ARG A 156 -3.45 5.95 14.11
CA ARG A 156 -2.42 4.91 14.28
C ARG A 156 -1.85 5.03 15.68
N GLN A 157 -1.35 3.92 16.23
CA GLN A 157 -0.74 3.91 17.56
C GLN A 157 0.55 4.75 17.59
N TYR A 158 0.87 5.28 18.77
CA TYR A 158 2.10 6.01 19.13
C TYR A 158 2.29 7.37 18.41
N ILE A 159 1.20 8.00 17.94
CA ILE A 159 1.26 9.36 17.37
C ILE A 159 0.99 10.33 18.53
N LYS A 160 1.86 11.33 18.71
CA LYS A 160 1.75 12.31 19.80
C LYS A 160 0.87 13.51 19.44
N ASP A 161 0.90 13.95 18.16
CA ASP A 161 0.11 15.09 17.68
C ASP A 161 -0.81 14.64 16.52
N ARG A 162 -1.95 14.05 16.90
CA ARG A 162 -2.97 13.52 15.98
C ARG A 162 -3.66 14.61 15.16
N GLU A 163 -3.88 15.79 15.77
CA GLU A 163 -4.51 16.95 15.13
C GLU A 163 -3.73 17.46 13.94
N ALA A 164 -2.39 17.39 14.01
CA ALA A 164 -1.50 17.78 12.92
C ALA A 164 -1.76 16.88 11.70
N VAL A 165 -1.95 15.57 11.93
CA VAL A 165 -2.21 14.53 10.92
C VAL A 165 -3.63 14.68 10.34
N GLU A 166 -4.62 15.04 11.19
CA GLU A 166 -6.02 15.27 10.79
C GLU A 166 -6.08 16.40 9.76
N LYS A 167 -5.31 17.47 9.99
CA LYS A 167 -5.20 18.63 9.10
C LYS A 167 -4.62 18.25 7.74
N LEU A 168 -3.84 17.17 7.67
CA LEU A 168 -3.25 16.66 6.42
C LEU A 168 -4.21 15.70 5.67
N GLN A 169 -4.93 14.84 6.42
CA GLN A 169 -5.85 13.86 5.85
C GLN A 169 -7.19 14.42 5.37
N GLU A 170 -7.78 15.36 6.14
CA GLU A 170 -9.08 15.96 5.81
C GLU A 170 -9.10 16.55 4.39
N PRO A 171 -8.12 17.36 3.92
CA PRO A 171 -8.19 17.87 2.54
C PRO A 171 -8.08 16.79 1.46
N LEU A 172 -7.46 15.63 1.77
CA LEU A 172 -7.36 14.53 0.81
C LEU A 172 -8.71 13.85 0.63
N LEU A 173 -9.48 13.72 1.72
CA LEU A 173 -10.82 13.11 1.72
C LEU A 173 -11.81 13.99 0.97
N ASP A 174 -11.71 15.33 1.15
CA ASP A 174 -12.54 16.31 0.43
C ASP A 174 -12.28 16.19 -1.09
N VAL A 175 -10.99 16.11 -1.50
CA VAL A 175 -10.55 15.94 -2.89
C VAL A 175 -11.10 14.62 -3.52
N LEU A 176 -10.97 13.49 -2.79
CA LEU A 176 -11.46 12.21 -3.26
C LEU A 176 -12.99 12.20 -3.46
N GLN A 177 -13.74 12.80 -2.53
CA GLN A 177 -15.19 12.88 -2.62
C GLN A 177 -15.63 13.76 -3.81
N LYS A 178 -14.92 14.89 -4.02
CA LYS A 178 -15.14 15.83 -5.11
C LYS A 178 -14.89 15.16 -6.46
N LEU A 179 -13.81 14.34 -6.57
CA LEU A 179 -13.49 13.57 -7.78
C LEU A 179 -14.57 12.53 -8.07
N CYS A 180 -15.17 11.94 -7.00
CA CYS A 180 -16.26 10.96 -7.12
C CYS A 180 -17.53 11.62 -7.67
N LYS A 181 -17.83 12.86 -7.20
CA LYS A 181 -18.98 13.64 -7.65
C LYS A 181 -18.82 14.18 -9.07
N ILE A 182 -17.57 14.42 -9.50
CA ILE A 182 -17.24 14.93 -10.83
C ILE A 182 -17.27 13.81 -11.88
N HIS A 183 -16.50 12.72 -11.65
CA HIS A 183 -16.33 11.63 -12.60
C HIS A 183 -17.39 10.54 -12.57
N GLN A 184 -18.16 10.40 -11.47
CA GLN A 184 -19.27 9.42 -11.39
C GLN A 184 -20.54 10.07 -10.79
N PRO A 185 -21.14 11.09 -11.47
CA PRO A 185 -22.34 11.75 -10.91
C PRO A 185 -23.62 10.91 -10.86
N GLU A 186 -23.71 9.86 -11.70
CA GLU A 186 -24.86 8.95 -11.76
C GLU A 186 -24.80 7.90 -10.63
N ASN A 187 -23.63 7.76 -9.97
CA ASN A 187 -23.42 6.81 -8.89
CA ASN A 187 -23.40 6.80 -8.90
C ASN A 187 -23.08 7.54 -7.58
N PRO A 188 -24.10 8.04 -6.82
CA PRO A 188 -23.80 8.76 -5.56
C PRO A 188 -23.15 7.93 -4.45
N GLN A 189 -23.09 6.61 -4.62
CA GLN A 189 -22.50 5.70 -3.65
C GLN A 189 -21.04 5.31 -3.97
N HIS A 190 -20.43 5.90 -5.02
CA HIS A 190 -19.05 5.61 -5.44
C HIS A 190 -18.02 5.91 -4.35
N PHE A 191 -18.18 7.04 -3.64
CA PHE A 191 -17.29 7.42 -2.54
C PHE A 191 -17.37 6.39 -1.38
N ALA A 192 -18.59 5.91 -1.08
CA ALA A 192 -18.90 4.91 -0.03
C ALA A 192 -18.23 3.58 -0.35
N CYS A 193 -18.15 3.22 -1.64
CA CYS A 193 -17.47 2.02 -2.13
C CYS A 193 -15.96 2.13 -1.87
N LEU A 194 -15.38 3.33 -2.06
CA LEU A 194 -13.95 3.58 -1.81
C LEU A 194 -13.60 3.49 -0.32
N LEU A 195 -14.50 3.97 0.56
CA LEU A 195 -14.33 3.91 2.02
C LEU A 195 -14.43 2.46 2.51
N GLY A 196 -15.18 1.63 1.78
CA GLY A 196 -15.34 0.21 2.04
C GLY A 196 -14.03 -0.56 1.89
N ARG A 197 -13.13 -0.05 1.02
CA ARG A 197 -11.80 -0.60 0.81
C ARG A 197 -10.89 -0.24 1.95
N LEU A 198 -11.09 0.95 2.55
CA LEU A 198 -10.30 1.41 3.71
C LEU A 198 -10.52 0.52 4.93
N THR A 199 -11.78 0.14 5.18
CA THR A 199 -12.17 -0.74 6.27
C THR A 199 -11.69 -2.16 5.99
N GLU A 200 -11.78 -2.63 4.72
CA GLU A 200 -11.31 -3.96 4.37
C GLU A 200 -9.78 -4.09 4.53
N LEU A 201 -9.04 -3.01 4.22
CA LEU A 201 -7.58 -2.95 4.36
C LEU A 201 -7.11 -3.11 5.79
N ARG A 202 -7.86 -2.55 6.76
CA ARG A 202 -7.56 -2.62 8.19
C ARG A 202 -7.57 -4.04 8.76
N THR A 203 -8.34 -4.96 8.15
CA THR A 203 -8.42 -6.35 8.60
C THR A 203 -7.14 -7.14 8.28
N PHE A 204 -6.34 -6.64 7.33
CA PHE A 204 -5.09 -7.28 6.93
C PHE A 204 -3.99 -7.11 7.95
N ASN A 205 -4.08 -6.10 8.83
CA ASN A 205 -3.10 -5.86 9.90
C ASN A 205 -3.05 -7.02 10.88
N HIS A 206 -4.22 -7.50 11.36
CA HIS A 206 -4.27 -8.62 12.30
C HIS A 206 -3.93 -9.94 11.62
N HIS A 207 -4.36 -10.14 10.35
CA HIS A 207 -4.03 -11.34 9.57
C HIS A 207 -2.51 -11.41 9.43
N HIS A 208 -1.88 -10.29 9.04
CA HIS A 208 -0.45 -10.14 8.82
C HIS A 208 0.38 -10.40 10.08
N ALA A 209 -0.01 -9.79 11.22
CA ALA A 209 0.65 -9.93 12.51
C ALA A 209 0.60 -11.39 13.01
N GLU A 210 -0.55 -12.06 12.78
CA GLU A 210 -0.79 -13.47 13.12
C GLU A 210 0.17 -14.33 12.29
N MET A 211 0.27 -14.03 10.97
CA MET A 211 1.14 -14.71 10.02
C MET A 211 2.62 -14.62 10.44
N LEU A 212 3.07 -13.41 10.84
CA LEU A 212 4.46 -13.19 11.28
C LEU A 212 4.79 -13.89 12.60
N MET A 213 3.85 -13.86 13.57
CA MET A 213 4.00 -14.47 14.90
C MET A 213 4.20 -16.00 14.79
N SER A 214 3.57 -16.64 13.79
CA SER A 214 3.67 -18.08 13.53
C SER A 214 5.02 -18.52 12.89
N TRP A 215 5.76 -17.57 12.28
CA TRP A 215 7.05 -17.85 11.65
C TRP A 215 8.22 -17.84 12.65
N ARG A 216 7.96 -17.39 13.92
CA ARG A 216 8.94 -17.31 15.01
C ARG A 216 9.65 -18.63 15.34
N VAL A 217 9.01 -19.77 14.97
CA VAL A 217 9.55 -21.12 15.18
C VAL A 217 9.83 -21.81 13.82
N ASN A 218 10.06 -21.00 12.76
CA ASN A 218 10.39 -21.44 11.40
C ASN A 218 11.72 -20.83 10.98
N ASP A 219 12.59 -21.62 10.33
CA ASP A 219 13.92 -21.17 9.87
C ASP A 219 13.93 -20.66 8.43
N HIS A 220 13.00 -21.16 7.59
CA HIS A 220 12.87 -20.81 6.17
C HIS A 220 12.15 -19.45 5.96
N LYS A 221 10.99 -19.26 6.59
CA LYS A 221 10.17 -18.05 6.41
C LYS A 221 10.61 -16.83 7.24
N PHE A 222 11.34 -17.04 8.36
CA PHE A 222 11.77 -15.94 9.24
C PHE A 222 12.79 -15.00 8.57
N THR A 223 12.33 -13.76 8.28
CA THR A 223 13.12 -12.69 7.66
C THR A 223 13.37 -11.55 8.68
N PRO A 224 14.55 -11.55 9.35
CA PRO A 224 14.81 -10.53 10.40
C PRO A 224 14.62 -9.05 10.00
N LEU A 225 14.97 -8.64 8.76
CA LEU A 225 14.82 -7.23 8.36
C LEU A 225 13.40 -6.68 8.51
N LEU A 226 12.40 -7.43 8.00
CA LEU A 226 11.00 -7.02 8.06
C LEU A 226 10.33 -7.41 9.38
N CYS A 227 10.61 -8.62 9.92
CA CYS A 227 10.04 -9.13 11.18
C CYS A 227 10.34 -8.25 12.40
N GLU A 228 11.60 -7.76 12.53
CA GLU A 228 12.06 -6.90 13.65
C GLU A 228 11.24 -5.59 13.82
N ILE A 229 10.61 -5.10 12.73
CA ILE A 229 9.81 -3.89 12.74
C ILE A 229 8.32 -4.26 12.85
N TRP A 230 7.84 -5.13 11.94
CA TRP A 230 6.44 -5.56 11.87
C TRP A 230 6.24 -6.93 12.47
N HIS B 3 13.21 0.57 13.87
CA HIS B 3 13.15 2.00 13.58
C HIS B 3 14.38 2.52 12.82
N GLN B 4 15.54 1.85 12.99
CA GLN B 4 16.82 2.21 12.36
C GLN B 4 16.74 2.29 10.84
N LEU B 5 16.10 1.28 10.20
CA LEU B 5 15.92 1.23 8.74
C LEU B 5 14.99 2.34 8.25
N LEU B 6 13.82 2.52 8.92
CA LEU B 6 12.85 3.55 8.56
C LEU B 6 13.43 4.95 8.72
N ARG B 7 14.19 5.16 9.83
CA ARG B 7 14.86 6.43 10.15
C ARG B 7 15.88 6.75 9.06
N TYR B 8 16.67 5.74 8.62
CA TYR B 8 17.65 5.90 7.56
C TYR B 8 16.97 6.29 6.25
N LEU B 9 15.95 5.53 5.80
CA LEU B 9 15.25 5.80 4.53
C LEU B 9 14.55 7.16 4.52
N LEU B 10 14.00 7.55 5.67
CA LEU B 10 13.31 8.83 5.86
C LEU B 10 14.31 9.99 5.87
N ASP B 11 15.47 9.80 6.50
CA ASP B 11 16.50 10.83 6.61
C ASP B 11 17.66 10.49 5.68
N LYS B 12 17.40 10.66 4.38
CA LYS B 12 18.32 10.30 3.28
C LYS B 12 18.22 11.33 2.15
#